data_6P4E
#
_entry.id   6P4E
#
_cell.length_a   82.636
_cell.length_b   82.636
_cell.length_c   134.846
_cell.angle_alpha   90.00
_cell.angle_beta   90.00
_cell.angle_gamma   120.00
#
_symmetry.space_group_name_H-M   'P 63'
#
loop_
_entity.id
_entity.type
_entity.pdbx_description
1 polymer 'Cysteine proteinase B'
2 non-polymer 'SODIUM ION'
3 non-polymer 'ACETATE ION'
4 non-polymer (4S)-2-METHYL-2,4-PENTANEDIOL
5 non-polymer '3-tert-butyl-N-[(2S)-1-(2-cyano-1,2-dimethylhydrazinyl)-4-methyl-1-oxopentan-2-yl]-1-methyl-1H-pyrazole-5-carboxamide (non-preferred name)'
6 non-polymer 2-AMINO-2-HYDROXYMETHYL-PROPANE-1,3-DIOL
7 water water
#
_entity_poly.entity_id   1
_entity_poly.type   'polypeptide(L)'
_entity_poly.pdbx_seq_one_letter_code
;AVPDAVDWREKGAVTPVKDQGACGSCWAFSAVGNIEGQWYLAGHELVSLSEQQLVSCDDMDNGCSGGLMLQAFDWLLQNT
NGHLHTEDSYPYVSGNGYVPECSNSSELVVGAQIDGHVLIGSSEKAMAAWLAKNGPIAIALDASSFMSYKSGVLTACIGK
QLNHGVLLVGYDMTGEVPYWVIKNSWGGDWGEQGYVRVVMGVNACLLSEYPVSAHVR
;
_entity_poly.pdbx_strand_id   A,B
#
loop_
_chem_comp.id
_chem_comp.type
_chem_comp.name
_chem_comp.formula
ACT non-polymer 'ACETATE ION' 'C2 H3 O2 -1'
GES non-polymer '3-tert-butyl-N-[(2S)-1-(2-cyano-1,2-dimethylhydrazinyl)-4-methyl-1-oxopentan-2-yl]-1-methyl-1H-pyrazole-5-carboxamide (non-preferred name)' 'C18 H30 N6 O2'
MPD non-polymer (4S)-2-METHYL-2,4-PENTANEDIOL 'C6 H14 O2'
NA non-polymer 'SODIUM ION' 'Na 1'
TRS non-polymer 2-AMINO-2-HYDROXYMETHYL-PROPANE-1,3-DIOL 'C4 H12 N O3 1'
#
# COMPACT_ATOMS: atom_id res chain seq x y z
N VAL A 2 -18.44 -4.50 5.30
CA VAL A 2 -18.11 -5.27 4.10
C VAL A 2 -19.32 -5.42 3.21
N PRO A 3 -19.39 -4.64 2.13
CA PRO A 3 -20.54 -4.74 1.23
C PRO A 3 -20.63 -6.12 0.60
N ASP A 4 -21.86 -6.55 0.31
CA ASP A 4 -22.07 -7.84 -0.34
C ASP A 4 -21.53 -7.84 -1.76
N ALA A 5 -21.51 -6.67 -2.41
CA ALA A 5 -21.15 -6.57 -3.80
C ALA A 5 -20.60 -5.19 -4.08
N VAL A 6 -19.53 -5.13 -4.86
CA VAL A 6 -18.97 -3.88 -5.38
C VAL A 6 -18.70 -4.07 -6.86
N ASP A 7 -19.05 -3.06 -7.67
CA ASP A 7 -18.81 -3.09 -9.11
C ASP A 7 -18.30 -1.71 -9.53
N TRP A 8 -16.98 -1.59 -9.69
CA TRP A 8 -16.41 -0.30 -10.05
C TRP A 8 -16.72 0.07 -11.48
N ARG A 9 -17.13 -0.89 -12.33
CA ARG A 9 -17.59 -0.55 -13.67
C ARG A 9 -18.85 0.30 -13.59
N GLU A 10 -19.83 -0.16 -12.82
CA GLU A 10 -21.10 0.57 -12.74
C GLU A 10 -20.91 1.91 -12.05
N LYS A 11 -19.92 2.04 -11.19
CA LYS A 11 -19.62 3.29 -10.49
C LYS A 11 -18.82 4.28 -11.31
N GLY A 12 -18.40 3.93 -12.53
CA GLY A 12 -17.74 4.82 -13.45
C GLY A 12 -16.22 4.81 -13.43
N ALA A 13 -15.58 3.82 -12.80
CA ALA A 13 -14.13 3.90 -12.60
C ALA A 13 -13.34 3.05 -13.58
N VAL A 14 -13.99 2.42 -14.56
CA VAL A 14 -13.33 1.47 -15.47
C VAL A 14 -13.60 1.87 -16.91
N THR A 15 -12.54 1.96 -17.72
CA THR A 15 -12.62 2.33 -19.13
C THR A 15 -12.98 1.11 -19.97
N PRO A 16 -13.20 1.28 -21.26
CA PRO A 16 -13.53 0.13 -22.10
C PRO A 16 -12.37 -0.86 -22.13
N VAL A 17 -12.72 -2.09 -22.50
CA VAL A 17 -11.76 -3.19 -22.61
C VAL A 17 -10.80 -2.95 -23.76
N LYS A 18 -9.55 -3.34 -23.57
CA LYS A 18 -8.48 -3.17 -24.53
C LYS A 18 -7.94 -4.53 -24.93
N ASP A 19 -7.00 -4.52 -25.87
CA ASP A 19 -6.47 -5.76 -26.45
C ASP A 19 -4.96 -5.60 -26.59
N GLN A 20 -4.20 -6.38 -25.82
CA GLN A 20 -2.75 -6.30 -25.88
C GLN A 20 -2.16 -7.00 -27.10
N GLY A 21 -2.95 -7.83 -27.78
CA GLY A 21 -2.42 -8.51 -28.94
C GLY A 21 -1.37 -9.54 -28.56
N ALA A 22 -0.42 -9.74 -29.47
CA ALA A 22 0.65 -10.72 -29.30
C ALA A 22 1.82 -10.21 -28.45
N CYS A 23 1.71 -9.01 -27.91
CA CYS A 23 2.76 -8.41 -27.10
C CYS A 23 2.61 -8.90 -25.66
N GLY A 24 3.73 -9.21 -25.03
CA GLY A 24 3.72 -9.56 -23.61
C GLY A 24 3.65 -8.33 -22.70
N SER A 25 2.62 -7.52 -22.90
CA SER A 25 2.45 -6.25 -22.21
C SER A 25 1.34 -6.28 -21.17
N CYS A 26 0.94 -7.47 -20.70
CA CYS A 26 -0.10 -7.57 -19.68
C CYS A 26 0.20 -6.66 -18.49
N TRP A 27 1.49 -6.55 -18.12
CA TRP A 27 1.91 -5.74 -16.97
C TRP A 27 1.53 -4.28 -17.16
N ALA A 28 1.60 -3.80 -18.41
CA ALA A 28 1.25 -2.41 -18.71
C ALA A 28 -0.25 -2.20 -18.71
N PHE A 29 -1.02 -3.13 -19.28
CA PHE A 29 -2.47 -3.03 -19.22
C PHE A 29 -2.97 -3.08 -17.79
N SER A 30 -2.41 -3.96 -16.97
CA SER A 30 -2.81 -4.06 -15.57
C SER A 30 -2.52 -2.76 -14.84
N ALA A 31 -1.32 -2.25 -15.01
CA ALA A 31 -0.93 -1.02 -14.32
C ALA A 31 -1.78 0.16 -14.75
N VAL A 32 -1.99 0.32 -16.07
CA VAL A 32 -2.74 1.46 -16.58
C VAL A 32 -4.20 1.37 -16.18
N GLY A 33 -4.79 0.17 -16.23
CA GLY A 33 -6.16 0.06 -15.78
C GLY A 33 -6.34 0.51 -14.34
N ASN A 34 -5.40 0.12 -13.49
CA ASN A 34 -5.47 0.56 -12.11
C ASN A 34 -5.32 2.07 -12.01
N ILE A 35 -4.37 2.66 -12.73
CA ILE A 35 -4.21 4.10 -12.71
C ILE A 35 -5.48 4.80 -13.16
N GLU A 36 -6.11 4.31 -14.22
CA GLU A 36 -7.35 4.93 -14.69
C GLU A 36 -8.38 5.00 -13.58
N GLY A 37 -8.47 3.94 -12.76
CA GLY A 37 -9.45 3.91 -11.70
C GLY A 37 -9.09 4.84 -10.55
N GLN A 38 -7.81 4.89 -10.16
CA GLN A 38 -7.41 5.77 -9.08
C GLN A 38 -7.58 7.23 -9.48
N TRP A 39 -7.31 7.54 -10.74
CA TRP A 39 -7.42 8.90 -11.27
C TRP A 39 -8.87 9.36 -11.19
N TYR A 40 -9.80 8.54 -11.65
CA TYR A 40 -11.21 8.89 -11.54
C TYR A 40 -11.65 9.03 -10.10
N LEU A 41 -11.27 8.09 -9.24
CA LEU A 41 -11.74 8.12 -7.86
C LEU A 41 -11.16 9.28 -7.06
N ALA A 42 -10.08 9.91 -7.53
CA ALA A 42 -9.57 11.15 -6.94
C ALA A 42 -10.35 12.37 -7.41
N GLY A 43 -11.38 12.21 -8.23
CA GLY A 43 -12.23 13.32 -8.59
C GLY A 43 -12.04 13.85 -9.98
N HIS A 44 -11.27 13.18 -10.81
CA HIS A 44 -11.04 13.62 -12.17
C HIS A 44 -11.90 12.82 -13.14
N GLU A 45 -12.05 13.32 -14.35
CA GLU A 45 -12.86 12.63 -15.33
CA GLU A 45 -12.87 12.62 -15.33
C GLU A 45 -12.17 11.34 -15.78
N LEU A 46 -12.97 10.28 -15.91
CA LEU A 46 -12.44 9.02 -16.43
C LEU A 46 -11.85 9.23 -17.82
N VAL A 47 -10.62 8.78 -18.00
CA VAL A 47 -9.93 8.90 -19.28
C VAL A 47 -9.10 7.64 -19.51
N SER A 48 -9.04 7.18 -20.75
CA SER A 48 -8.20 6.05 -21.10
CA SER A 48 -8.20 6.05 -21.10
C SER A 48 -6.76 6.52 -21.28
N LEU A 49 -5.82 5.79 -20.68
CA LEU A 49 -4.41 6.19 -20.63
C LEU A 49 -3.57 5.21 -21.44
N SER A 50 -2.31 5.59 -21.64
CA SER A 50 -1.47 4.96 -22.66
C SER A 50 -0.61 3.81 -22.14
N GLU A 51 -1.00 2.58 -22.47
CA GLU A 51 -0.10 1.44 -22.32
C GLU A 51 1.15 1.58 -23.19
N GLN A 52 1.02 2.22 -24.37
CA GLN A 52 2.15 2.28 -25.28
C GLN A 52 3.30 3.08 -24.68
N GLN A 53 2.98 4.13 -23.94
CA GLN A 53 4.04 4.89 -23.29
C GLN A 53 4.90 3.99 -22.42
N LEU A 54 4.27 3.11 -21.63
CA LEU A 54 5.05 2.20 -20.80
C LEU A 54 5.78 1.18 -21.66
N VAL A 55 5.08 0.58 -22.62
CA VAL A 55 5.73 -0.46 -23.41
C VAL A 55 6.98 0.06 -24.10
N SER A 56 6.91 1.27 -24.67
CA SER A 56 7.98 1.86 -25.45
C SER A 56 9.01 2.62 -24.62
N CYS A 57 8.62 3.22 -23.50
CA CYS A 57 9.48 4.15 -22.78
C CYS A 57 10.05 3.61 -21.47
N ASP A 58 9.37 2.65 -20.82
CA ASP A 58 9.76 2.18 -19.50
C ASP A 58 10.95 1.24 -19.64
N ASP A 59 12.14 1.71 -19.25
CA ASP A 59 13.35 0.92 -19.38
C ASP A 59 13.64 0.05 -18.16
N MET A 60 12.80 0.10 -17.12
CA MET A 60 12.92 -0.85 -16.02
C MET A 60 12.26 -2.17 -16.41
N ASP A 61 11.17 -2.08 -17.16
CA ASP A 61 10.47 -3.24 -17.66
C ASP A 61 10.99 -3.59 -19.07
N ASN A 62 10.44 -4.64 -19.66
CA ASN A 62 11.01 -5.23 -20.85
CA ASN A 62 11.01 -5.26 -20.85
C ASN A 62 10.02 -5.30 -22.01
N GLY A 63 9.22 -4.25 -22.18
CA GLY A 63 8.46 -4.11 -23.40
C GLY A 63 7.50 -5.26 -23.63
N CYS A 64 7.57 -5.87 -24.83
CA CYS A 64 6.73 -7.01 -25.17
C CYS A 64 7.25 -8.34 -24.60
N SER A 65 8.35 -8.32 -23.87
N SER A 65 8.33 -8.30 -23.81
CA SER A 65 8.77 -9.55 -23.19
CA SER A 65 8.92 -9.47 -23.16
C SER A 65 8.03 -9.70 -21.87
C SER A 65 8.65 -9.53 -21.66
N GLY A 66 7.84 -8.62 -21.14
CA GLY A 66 7.31 -8.72 -19.80
C GLY A 66 7.71 -7.54 -18.93
N GLY A 67 7.07 -7.49 -17.76
CA GLY A 67 7.28 -6.43 -16.79
C GLY A 67 6.53 -6.72 -15.51
N LEU A 68 6.59 -5.75 -14.62
CA LEU A 68 5.92 -5.80 -13.33
C LEU A 68 5.21 -4.48 -13.08
N MET A 69 3.98 -4.55 -12.55
CA MET A 69 3.17 -3.36 -12.36
CA MET A 69 3.16 -3.36 -12.35
C MET A 69 3.83 -2.35 -11.42
N LEU A 70 4.48 -2.80 -10.33
CA LEU A 70 5.14 -1.84 -9.44
C LEU A 70 6.29 -1.13 -10.13
N GLN A 71 7.08 -1.87 -10.94
CA GLN A 71 8.16 -1.23 -11.68
C GLN A 71 7.63 -0.19 -12.65
N ALA A 72 6.47 -0.46 -13.25
CA ALA A 72 5.89 0.52 -14.17
C ALA A 72 5.54 1.80 -13.42
N PHE A 73 4.98 1.67 -12.22
CA PHE A 73 4.67 2.85 -11.41
C PHE A 73 5.95 3.59 -11.05
N ASP A 74 6.99 2.84 -10.64
CA ASP A 74 8.28 3.46 -10.33
C ASP A 74 8.84 4.21 -11.53
N TRP A 75 8.77 3.61 -12.71
CA TRP A 75 9.30 4.28 -13.89
C TRP A 75 8.61 5.64 -14.08
N LEU A 76 7.28 5.68 -13.98
CA LEU A 76 6.58 6.95 -14.10
C LEU A 76 7.07 7.93 -13.04
N LEU A 77 7.14 7.49 -11.78
CA LEU A 77 7.50 8.41 -10.72
C LEU A 77 8.89 8.97 -10.90
N GLN A 78 9.82 8.16 -11.40
CA GLN A 78 11.22 8.56 -11.54
C GLN A 78 11.50 9.34 -12.82
N ASN A 79 10.69 9.19 -13.87
CA ASN A 79 11.03 9.74 -15.18
C ASN A 79 10.03 10.72 -15.75
N THR A 80 8.79 10.75 -15.29
CA THR A 80 7.80 11.69 -15.80
C THR A 80 7.07 12.41 -14.68
N ASN A 81 7.63 12.45 -13.47
CA ASN A 81 6.94 13.00 -12.30
CA ASN A 81 6.92 13.02 -12.33
C ASN A 81 5.53 12.41 -12.16
N GLY A 82 5.40 11.13 -12.49
CA GLY A 82 4.15 10.42 -12.35
C GLY A 82 3.14 10.65 -13.45
N HIS A 83 3.49 11.42 -14.48
CA HIS A 83 2.54 11.75 -15.55
C HIS A 83 2.47 10.64 -16.58
N LEU A 84 1.23 10.36 -17.01
CA LEU A 84 0.94 9.37 -18.04
C LEU A 84 0.12 10.01 -19.13
N HIS A 85 0.47 9.74 -20.38
CA HIS A 85 -0.26 10.31 -21.50
C HIS A 85 -1.58 9.60 -21.74
N THR A 86 -2.44 10.28 -22.47
CA THR A 86 -3.70 9.67 -22.87
C THR A 86 -3.49 8.61 -23.96
N GLU A 87 -4.38 7.63 -23.98
CA GLU A 87 -4.39 6.66 -25.05
C GLU A 87 -4.63 7.33 -26.40
N ASP A 88 -5.55 8.31 -26.44
CA ASP A 88 -5.90 8.96 -27.69
C ASP A 88 -4.68 9.60 -28.32
N SER A 89 -3.83 10.23 -27.50
CA SER A 89 -2.65 10.91 -28.01
C SER A 89 -1.47 9.98 -28.17
N TYR A 90 -1.43 8.85 -27.47
CA TYR A 90 -0.31 7.91 -27.53
C TYR A 90 -0.89 6.51 -27.67
N PRO A 91 -1.40 6.16 -28.83
CA PRO A 91 -2.18 4.93 -28.99
C PRO A 91 -1.32 3.66 -29.04
N TYR A 92 -1.99 2.55 -28.82
CA TYR A 92 -1.29 1.28 -28.72
C TYR A 92 -1.04 0.73 -30.13
N VAL A 93 0.22 0.48 -30.44
CA VAL A 93 0.62 0.00 -31.76
C VAL A 93 1.46 -1.26 -31.67
N SER A 94 1.65 -1.80 -30.48
CA SER A 94 2.48 -2.97 -30.29
C SER A 94 1.73 -4.30 -30.36
N GLY A 95 0.51 -4.32 -30.90
CA GLY A 95 -0.23 -5.57 -30.98
C GLY A 95 0.46 -6.71 -31.73
N ASN A 96 1.37 -6.40 -32.65
CA ASN A 96 2.09 -7.45 -33.38
C ASN A 96 3.39 -7.87 -32.71
N GLY A 97 3.73 -7.31 -31.54
CA GLY A 97 4.88 -7.74 -30.78
C GLY A 97 6.10 -6.86 -30.90
N TYR A 98 6.08 -5.88 -31.82
CA TYR A 98 7.20 -4.98 -32.03
C TYR A 98 6.97 -3.72 -31.22
N VAL A 99 8.06 -3.16 -30.67
CA VAL A 99 8.01 -1.98 -29.81
C VAL A 99 8.72 -0.83 -30.52
N PRO A 100 8.00 0.19 -30.97
CA PRO A 100 8.67 1.34 -31.58
C PRO A 100 9.40 2.18 -30.53
N GLU A 101 10.27 3.06 -31.02
CA GLU A 101 10.99 3.96 -30.14
C GLU A 101 10.00 4.82 -29.36
N CYS A 102 10.42 5.22 -28.17
CA CYS A 102 9.63 6.08 -27.31
C CYS A 102 9.45 7.43 -27.99
N SER A 103 8.22 7.94 -27.96
CA SER A 103 7.92 9.21 -28.60
CA SER A 103 7.90 9.21 -28.59
C SER A 103 7.97 10.34 -27.57
N ASN A 104 8.50 11.49 -28.00
CA ASN A 104 8.41 12.70 -27.22
C ASN A 104 7.80 13.82 -28.07
N SER A 105 6.98 13.43 -29.05
CA SER A 105 6.27 14.38 -29.88
C SER A 105 5.55 15.42 -29.03
N SER A 106 5.43 16.63 -29.58
CA SER A 106 4.73 17.72 -28.92
C SER A 106 3.21 17.53 -28.94
N GLU A 107 2.71 16.60 -29.74
CA GLU A 107 1.29 16.30 -29.74
C GLU A 107 0.87 15.35 -28.63
N LEU A 108 1.79 14.92 -27.77
CA LEU A 108 1.38 14.08 -26.65
C LEU A 108 0.63 14.93 -25.64
N VAL A 109 -0.41 14.34 -25.03
CA VAL A 109 -1.26 15.02 -24.07
C VAL A 109 -1.23 14.22 -22.76
N VAL A 110 -0.88 14.91 -21.67
CA VAL A 110 -0.88 14.30 -20.35
C VAL A 110 -2.31 14.09 -19.89
N GLY A 111 -2.63 12.87 -19.48
CA GLY A 111 -3.96 12.55 -19.02
C GLY A 111 -4.12 12.38 -17.53
N ALA A 112 -3.04 12.03 -16.82
CA ALA A 112 -3.14 11.70 -15.40
C ALA A 112 -1.77 11.83 -14.76
N GLN A 113 -1.78 11.86 -13.42
CA GLN A 113 -0.55 11.91 -12.63
C GLN A 113 -0.72 11.08 -11.37
N ILE A 114 0.21 10.18 -11.13
CA ILE A 114 0.27 9.42 -9.88
C ILE A 114 1.34 10.05 -9.00
N ASP A 115 1.28 9.73 -7.69
CA ASP A 115 2.26 10.27 -6.75
C ASP A 115 2.86 9.21 -5.82
N GLY A 116 2.60 7.93 -6.07
CA GLY A 116 3.07 6.87 -5.20
C GLY A 116 2.42 5.56 -5.62
N HIS A 117 2.65 4.54 -4.80
CA HIS A 117 2.07 3.22 -5.04
C HIS A 117 2.11 2.42 -3.74
N VAL A 118 1.29 1.38 -3.74
CA VAL A 118 1.19 0.48 -2.59
C VAL A 118 1.17 -0.96 -3.08
N LEU A 119 1.76 -1.82 -2.26
CA LEU A 119 1.61 -3.26 -2.36
C LEU A 119 0.66 -3.69 -1.26
N ILE A 120 -0.50 -4.22 -1.65
CA ILE A 120 -1.57 -4.53 -0.72
C ILE A 120 -1.30 -5.90 -0.12
N GLY A 121 -1.71 -6.09 1.13
CA GLY A 121 -1.42 -7.37 1.79
C GLY A 121 -1.97 -8.51 0.96
N SER A 122 -1.18 -9.58 0.85
CA SER A 122 -1.52 -10.71 -0.03
C SER A 122 -2.53 -11.66 0.63
N SER A 123 -3.71 -11.11 0.87
CA SER A 123 -4.82 -11.81 1.49
C SER A 123 -6.10 -11.46 0.74
N GLU A 124 -6.89 -12.46 0.37
CA GLU A 124 -8.10 -12.20 -0.38
C GLU A 124 -9.06 -11.34 0.41
N LYS A 125 -9.19 -11.62 1.71
CA LYS A 125 -10.13 -10.86 2.51
C LYS A 125 -9.70 -9.40 2.61
N ALA A 126 -8.41 -9.17 2.76
CA ALA A 126 -7.92 -7.80 2.81
C ALA A 126 -8.08 -7.12 1.46
N MET A 127 -7.87 -7.85 0.37
CA MET A 127 -8.07 -7.27 -0.95
C MET A 127 -9.50 -6.84 -1.16
N ALA A 128 -10.45 -7.63 -0.68
CA ALA A 128 -11.84 -7.27 -0.86
C ALA A 128 -12.17 -5.99 -0.12
N ALA A 129 -11.67 -5.84 1.10
CA ALA A 129 -11.88 -4.62 1.87
C ALA A 129 -11.18 -3.44 1.21
N TRP A 130 -9.98 -3.66 0.68
CA TRP A 130 -9.25 -2.57 0.03
C TRP A 130 -9.99 -2.14 -1.24
N LEU A 131 -10.38 -3.11 -2.06
CA LEU A 131 -11.10 -2.80 -3.29
C LEU A 131 -12.43 -2.10 -3.02
N ALA A 132 -13.13 -2.49 -1.96
CA ALA A 132 -14.44 -1.90 -1.69
C ALA A 132 -14.31 -0.41 -1.39
N LYS A 133 -13.23 -0.01 -0.73
CA LYS A 133 -13.03 1.39 -0.38
C LYS A 133 -12.28 2.18 -1.43
N ASN A 134 -11.32 1.56 -2.11
CA ASN A 134 -10.33 2.31 -2.87
C ASN A 134 -10.34 2.09 -4.37
N GLY A 135 -11.01 1.05 -4.90
CA GLY A 135 -11.08 0.89 -6.34
C GLY A 135 -10.34 -0.32 -6.86
N PRO A 136 -10.31 -0.44 -8.20
CA PRO A 136 -9.72 -1.64 -8.84
C PRO A 136 -8.27 -1.86 -8.50
N ILE A 137 -7.91 -3.14 -8.34
CA ILE A 137 -6.59 -3.57 -7.96
C ILE A 137 -5.92 -4.26 -9.15
N ALA A 138 -4.68 -3.88 -9.44
CA ALA A 138 -3.86 -4.60 -10.41
C ALA A 138 -3.32 -5.87 -9.76
N ILE A 139 -3.53 -7.02 -10.40
CA ILE A 139 -3.13 -8.31 -9.84
C ILE A 139 -2.36 -9.16 -10.83
N ALA A 140 -1.55 -10.04 -10.31
CA ALA A 140 -1.01 -11.15 -11.08
C ALA A 140 -1.82 -12.41 -10.80
N LEU A 141 -1.91 -13.30 -11.78
CA LEU A 141 -2.56 -14.59 -11.54
C LEU A 141 -2.08 -15.60 -12.57
N ASP A 142 -2.53 -16.84 -12.39
CA ASP A 142 -2.37 -17.93 -13.36
C ASP A 142 -3.59 -17.90 -14.27
N ALA A 143 -3.38 -17.58 -15.54
CA ALA A 143 -4.44 -17.50 -16.52
C ALA A 143 -4.59 -18.77 -17.36
N SER A 144 -3.95 -19.88 -16.97
CA SER A 144 -4.07 -21.11 -17.73
C SER A 144 -5.53 -21.46 -17.98
N SER A 145 -6.38 -21.32 -16.96
CA SER A 145 -7.79 -21.67 -17.07
CA SER A 145 -7.79 -21.69 -17.08
C SER A 145 -8.58 -20.67 -17.88
N PHE A 146 -8.01 -19.49 -18.14
CA PHE A 146 -8.69 -18.49 -18.94
C PHE A 146 -8.69 -18.87 -20.42
N MET A 147 -7.76 -19.74 -20.84
CA MET A 147 -7.64 -20.06 -22.26
C MET A 147 -8.92 -20.65 -22.82
N SER A 148 -9.62 -21.46 -22.03
CA SER A 148 -10.84 -22.13 -22.46
C SER A 148 -12.10 -21.45 -21.96
N TYR A 149 -11.99 -20.33 -21.25
CA TYR A 149 -13.15 -19.71 -20.65
C TYR A 149 -14.01 -18.98 -21.69
N LYS A 150 -15.32 -19.15 -21.57
CA LYS A 150 -16.28 -18.46 -22.41
C LYS A 150 -17.22 -17.58 -21.60
N SER A 151 -17.74 -18.09 -20.48
CA SER A 151 -18.75 -17.38 -19.70
C SER A 151 -18.96 -18.12 -18.39
N GLY A 152 -19.65 -17.46 -17.48
CA GLY A 152 -19.95 -18.04 -16.19
C GLY A 152 -18.92 -17.70 -15.13
N VAL A 153 -19.07 -18.34 -13.99
CA VAL A 153 -18.15 -18.20 -12.88
C VAL A 153 -17.19 -19.38 -12.90
N LEU A 154 -15.90 -19.09 -13.04
CA LEU A 154 -14.87 -20.12 -12.95
C LEU A 154 -14.75 -20.55 -11.49
N THR A 155 -15.12 -21.79 -11.21
CA THR A 155 -14.95 -22.36 -9.89
C THR A 155 -13.75 -23.30 -9.79
N ALA A 156 -13.12 -23.65 -10.92
N ALA A 156 -13.19 -23.69 -10.93
CA ALA A 156 -11.97 -24.56 -10.92
CA ALA A 156 -12.00 -24.52 -11.00
C ALA A 156 -10.83 -23.95 -11.75
C ALA A 156 -10.98 -23.71 -11.79
N CYS A 157 -10.03 -23.10 -11.09
CA CYS A 157 -8.96 -22.37 -11.74
C CYS A 157 -7.66 -23.09 -11.43
N ILE A 158 -6.82 -23.27 -12.43
CA ILE A 158 -5.48 -23.79 -12.19
C ILE A 158 -4.70 -22.70 -11.47
N GLY A 159 -4.15 -23.02 -10.31
CA GLY A 159 -3.39 -22.06 -9.56
C GLY A 159 -1.97 -22.57 -9.35
N LYS A 160 -1.11 -22.44 -10.35
CA LYS A 160 0.23 -23.04 -10.35
C LYS A 160 1.35 -22.03 -10.55
N GLN A 161 1.20 -21.11 -11.51
CA GLN A 161 2.26 -20.19 -11.85
C GLN A 161 1.66 -18.85 -12.22
N LEU A 162 2.25 -17.78 -11.70
CA LEU A 162 1.86 -16.43 -12.08
C LEU A 162 2.34 -16.18 -13.50
N ASN A 163 1.42 -16.04 -14.43
CA ASN A 163 1.76 -15.92 -15.85
C ASN A 163 0.88 -14.89 -16.58
N HIS A 164 0.21 -13.99 -15.85
CA HIS A 164 -0.58 -12.94 -16.48
C HIS A 164 -0.81 -11.85 -15.46
N GLY A 165 -1.15 -10.67 -15.94
CA GLY A 165 -1.57 -9.59 -15.08
C GLY A 165 -2.82 -8.93 -15.61
N VAL A 166 -3.76 -8.69 -14.70
CA VAL A 166 -5.09 -8.20 -15.03
C VAL A 166 -5.55 -7.21 -13.97
N LEU A 167 -6.82 -6.83 -14.02
CA LEU A 167 -7.36 -5.80 -13.13
C LEU A 167 -8.62 -6.34 -12.43
N LEU A 168 -8.63 -6.28 -11.11
N LEU A 168 -8.59 -6.38 -11.10
CA LEU A 168 -9.74 -6.74 -10.30
CA LEU A 168 -9.75 -6.73 -10.30
C LEU A 168 -10.69 -5.55 -10.12
C LEU A 168 -10.64 -5.51 -10.25
N VAL A 169 -11.90 -5.64 -10.66
CA VAL A 169 -12.81 -4.51 -10.71
C VAL A 169 -14.01 -4.64 -9.79
N GLY A 170 -14.25 -5.79 -9.17
CA GLY A 170 -15.40 -5.89 -8.29
C GLY A 170 -15.55 -7.30 -7.77
N TYR A 171 -16.60 -7.49 -6.97
CA TYR A 171 -16.96 -8.81 -6.48
C TYR A 171 -18.45 -8.80 -6.16
N ASP A 172 -18.98 -10.01 -5.97
CA ASP A 172 -20.39 -10.17 -5.64
C ASP A 172 -20.50 -11.44 -4.80
N MET A 173 -20.99 -11.29 -3.58
CA MET A 173 -21.18 -12.41 -2.68
C MET A 173 -22.66 -12.73 -2.44
N THR A 174 -23.55 -12.23 -3.30
CA THR A 174 -24.98 -12.37 -3.03
C THR A 174 -25.56 -13.72 -3.45
N GLY A 175 -24.86 -14.47 -4.31
CA GLY A 175 -25.34 -15.75 -4.77
C GLY A 175 -24.71 -16.91 -4.01
N GLU A 176 -24.99 -18.12 -4.48
CA GLU A 176 -24.40 -19.30 -3.84
C GLU A 176 -22.89 -19.28 -3.97
N VAL A 177 -22.38 -18.97 -5.16
CA VAL A 177 -20.95 -18.92 -5.42
C VAL A 177 -20.53 -17.45 -5.40
N PRO A 178 -19.73 -17.01 -4.42
CA PRO A 178 -19.23 -15.63 -4.45
C PRO A 178 -18.11 -15.52 -5.46
N TYR A 179 -18.01 -14.36 -6.11
CA TYR A 179 -17.06 -14.24 -7.19
C TYR A 179 -16.45 -12.86 -7.28
N TRP A 180 -15.25 -12.84 -7.84
CA TRP A 180 -14.54 -11.64 -8.26
C TRP A 180 -14.81 -11.38 -9.73
N VAL A 181 -14.78 -10.09 -10.11
CA VAL A 181 -14.90 -9.67 -11.51
C VAL A 181 -13.56 -9.10 -11.97
N ILE A 182 -13.01 -9.66 -13.06
CA ILE A 182 -11.69 -9.36 -13.56
C ILE A 182 -11.79 -8.80 -14.98
N LYS A 183 -11.14 -7.65 -15.21
CA LYS A 183 -10.97 -7.09 -16.54
C LYS A 183 -9.70 -7.65 -17.17
N ASN A 184 -9.84 -8.37 -18.28
CA ASN A 184 -8.71 -8.86 -19.04
C ASN A 184 -8.40 -7.87 -20.17
N SER A 185 -7.31 -8.11 -20.87
CA SER A 185 -6.79 -7.26 -21.93
C SER A 185 -6.67 -8.07 -23.21
N TRP A 186 -7.68 -8.90 -23.48
CA TRP A 186 -7.70 -9.76 -24.66
C TRP A 186 -8.83 -9.35 -25.61
N GLY A 187 -9.29 -8.11 -25.50
CA GLY A 187 -10.34 -7.61 -26.35
C GLY A 187 -11.73 -7.86 -25.80
N GLY A 188 -12.70 -7.12 -26.32
CA GLY A 188 -14.07 -7.21 -25.83
C GLY A 188 -14.86 -8.42 -26.28
N ASP A 189 -14.33 -9.23 -27.20
CA ASP A 189 -15.02 -10.45 -27.59
C ASP A 189 -14.64 -11.65 -26.71
N TRP A 190 -13.54 -11.56 -25.98
CA TRP A 190 -13.15 -12.66 -25.13
C TRP A 190 -13.98 -12.66 -23.85
N GLY A 191 -14.35 -13.86 -23.42
CA GLY A 191 -15.06 -13.98 -22.15
C GLY A 191 -16.34 -13.18 -22.16
N GLU A 192 -16.69 -12.62 -21.01
CA GLU A 192 -17.94 -11.86 -20.86
C GLU A 192 -17.68 -10.40 -21.20
N GLN A 193 -17.71 -10.10 -22.49
CA GLN A 193 -17.42 -8.76 -22.99
C GLN A 193 -16.09 -8.26 -22.46
N GLY A 194 -15.13 -9.18 -22.37
CA GLY A 194 -13.78 -8.85 -21.99
C GLY A 194 -13.43 -9.17 -20.55
N TYR A 195 -14.39 -9.61 -19.76
CA TYR A 195 -14.29 -9.87 -18.34
C TYR A 195 -14.38 -11.38 -18.05
N VAL A 196 -13.89 -11.77 -16.89
CA VAL A 196 -14.03 -13.13 -16.38
C VAL A 196 -14.41 -13.05 -14.92
N ARG A 197 -15.25 -13.98 -14.48
CA ARG A 197 -15.61 -14.11 -13.07
C ARG A 197 -14.97 -15.37 -12.49
N VAL A 198 -14.43 -15.25 -11.27
CA VAL A 198 -13.66 -16.29 -10.62
C VAL A 198 -14.14 -16.41 -9.18
N VAL A 199 -14.30 -17.62 -8.67
CA VAL A 199 -14.77 -17.78 -7.29
C VAL A 199 -13.84 -17.12 -6.28
N MET A 200 -14.44 -16.60 -5.19
CA MET A 200 -13.73 -15.95 -4.09
C MET A 200 -13.51 -16.94 -2.96
N GLY A 201 -12.41 -16.77 -2.25
CA GLY A 201 -12.20 -17.42 -0.97
C GLY A 201 -11.30 -18.63 -0.99
N VAL A 202 -10.69 -18.95 -2.13
CA VAL A 202 -9.83 -20.12 -2.24
C VAL A 202 -8.49 -19.80 -2.89
N ASN A 203 -8.20 -18.51 -3.04
CA ASN A 203 -6.98 -18.05 -3.75
C ASN A 203 -6.98 -18.59 -5.18
N ALA A 204 -8.16 -18.57 -5.80
CA ALA A 204 -8.31 -19.10 -7.15
C ALA A 204 -7.34 -18.43 -8.10
N CYS A 205 -6.66 -19.22 -8.91
CA CYS A 205 -5.73 -18.71 -9.90
C CYS A 205 -4.56 -18.00 -9.28
N LEU A 206 -4.35 -18.16 -7.98
CA LEU A 206 -3.30 -17.46 -7.23
C LEU A 206 -3.49 -15.95 -7.23
N LEU A 207 -4.73 -15.48 -7.23
CA LEU A 207 -5.00 -14.06 -7.49
C LEU A 207 -4.62 -13.15 -6.34
N SER A 208 -4.26 -13.68 -5.16
CA SER A 208 -3.91 -12.81 -4.05
C SER A 208 -2.40 -12.62 -3.88
N GLU A 209 -1.60 -13.12 -4.81
CA GLU A 209 -0.16 -13.15 -4.64
C GLU A 209 0.49 -11.78 -4.82
N TYR A 210 -0.06 -10.90 -5.66
CA TYR A 210 0.61 -9.64 -6.00
C TYR A 210 -0.43 -8.58 -6.32
N PRO A 211 -1.12 -8.12 -5.31
CA PRO A 211 -2.09 -7.04 -5.50
C PRO A 211 -1.50 -5.67 -5.26
N VAL A 212 -1.57 -4.79 -6.26
CA VAL A 212 -0.92 -3.50 -6.20
C VAL A 212 -1.82 -2.38 -6.72
N SER A 213 -1.49 -1.15 -6.33
CA SER A 213 -2.19 0.02 -6.85
C SER A 213 -1.29 1.23 -6.84
N ALA A 214 -1.47 2.08 -7.83
CA ALA A 214 -0.90 3.42 -7.75
C ALA A 214 -1.63 4.23 -6.67
N HIS A 215 -1.05 5.39 -6.35
CA HIS A 215 -1.69 6.36 -5.47
C HIS A 215 -1.83 7.68 -6.23
N VAL A 216 -2.99 8.31 -6.10
CA VAL A 216 -3.29 9.59 -6.75
C VAL A 216 -3.71 10.60 -5.70
N ARG A 217 -3.15 11.80 -5.76
CA ARG A 217 -3.48 12.86 -4.82
C ARG A 217 -4.98 13.13 -4.83
N ALA B 1 1.19 22.74 -6.09
CA ALA B 1 2.28 22.15 -5.28
C ALA B 1 1.71 21.28 -4.16
N VAL B 2 2.53 20.43 -3.59
CA VAL B 2 2.12 19.56 -2.49
C VAL B 2 2.02 20.42 -1.24
N PRO B 3 1.40 19.95 -0.15
CA PRO B 3 1.34 20.80 1.04
C PRO B 3 2.74 21.05 1.57
N ASP B 4 2.99 22.29 1.98
CA ASP B 4 4.34 22.59 2.47
C ASP B 4 4.58 22.09 3.88
N ALA B 5 3.54 21.72 4.61
CA ALA B 5 3.69 21.16 5.95
C ALA B 5 2.45 20.34 6.28
N VAL B 6 2.66 19.23 6.98
CA VAL B 6 1.60 18.34 7.46
C VAL B 6 2.00 17.90 8.86
N ASP B 7 1.06 17.99 9.82
CA ASP B 7 1.35 17.55 11.19
C ASP B 7 0.11 16.84 11.71
N TRP B 8 0.15 15.50 11.71
CA TRP B 8 -1.01 14.74 12.14
C TRP B 8 -1.28 14.85 13.63
N ARG B 9 -0.30 15.32 14.41
CA ARG B 9 -0.56 15.60 15.82
C ARG B 9 -1.60 16.70 15.99
N GLU B 10 -1.48 17.76 15.17
CA GLU B 10 -2.42 18.88 15.21
C GLU B 10 -3.82 18.47 14.76
N LYS B 11 -3.92 17.46 13.93
CA LYS B 11 -5.19 17.03 13.39
CA LYS B 11 -5.17 17.00 13.38
C LYS B 11 -5.86 15.93 14.21
N GLY B 12 -5.29 15.55 15.36
CA GLY B 12 -5.92 14.63 16.27
C GLY B 12 -5.69 13.15 16.00
N ALA B 13 -4.68 12.79 15.20
CA ALA B 13 -4.47 11.40 14.80
C ALA B 13 -3.36 10.68 15.56
N VAL B 14 -2.76 11.32 16.56
CA VAL B 14 -1.59 10.77 17.23
C VAL B 14 -1.84 10.77 18.74
N THR B 15 -1.64 9.62 19.37
CA THR B 15 -1.81 9.47 20.82
C THR B 15 -0.56 9.92 21.57
N PRO B 16 -0.63 10.01 22.90
CA PRO B 16 0.56 10.37 23.67
C PRO B 16 1.72 9.43 23.44
N VAL B 17 2.92 9.94 23.73
CA VAL B 17 4.13 9.14 23.60
C VAL B 17 4.18 8.03 24.64
N LYS B 18 4.69 6.88 24.23
CA LYS B 18 4.81 5.72 25.07
C LYS B 18 6.30 5.35 25.23
N ASP B 19 6.56 4.31 26.02
CA ASP B 19 7.91 3.88 26.39
C ASP B 19 8.04 2.36 26.35
N GLN B 20 8.81 1.86 25.40
CA GLN B 20 9.01 0.42 25.28
C GLN B 20 9.94 -0.14 26.34
N GLY B 21 10.69 0.70 27.03
CA GLY B 21 11.65 0.22 28.02
C GLY B 21 12.72 -0.63 27.40
N ALA B 22 13.16 -1.64 28.17
N ALA B 22 13.15 -1.67 28.13
CA ALA B 22 14.21 -2.58 27.78
CA ALA B 22 14.27 -2.52 27.71
C ALA B 22 13.63 -3.85 27.19
C ALA B 22 13.85 -3.63 26.74
N CYS B 23 12.60 -3.69 26.37
CA CYS B 23 12.06 -4.73 25.52
C CYS B 23 12.33 -4.36 24.07
N GLY B 24 12.69 -5.35 23.25
CA GLY B 24 12.84 -5.13 21.82
C GLY B 24 11.53 -5.11 21.07
N SER B 25 10.61 -4.22 21.47
CA SER B 25 9.26 -4.22 20.96
C SER B 25 8.94 -3.00 20.08
N CYS B 26 9.98 -2.37 19.53
CA CYS B 26 9.80 -1.20 18.66
C CYS B 26 8.83 -1.49 17.52
N TRP B 27 8.87 -2.72 17.01
CA TRP B 27 8.02 -3.16 15.92
C TRP B 27 6.54 -3.06 16.31
N ALA B 28 6.23 -3.37 17.56
CA ALA B 28 4.85 -3.30 18.05
C ALA B 28 4.41 -1.86 18.28
N PHE B 29 5.29 -1.02 18.82
CA PHE B 29 4.95 0.39 19.00
C PHE B 29 4.75 1.11 17.66
N SER B 30 5.59 0.81 16.69
CA SER B 30 5.44 1.41 15.37
C SER B 30 4.14 0.98 14.72
N ALA B 31 3.87 -0.33 14.75
CA ALA B 31 2.64 -0.88 14.21
C ALA B 31 1.42 -0.27 14.87
N VAL B 32 1.38 -0.26 16.20
CA VAL B 32 0.21 0.22 16.92
C VAL B 32 0.02 1.71 16.71
N GLY B 33 1.10 2.47 16.70
CA GLY B 33 0.95 3.91 16.46
C GLY B 33 0.29 4.18 15.12
N ASN B 34 0.73 3.43 14.11
CA ASN B 34 0.12 3.57 12.80
C ASN B 34 -1.34 3.18 12.84
N ILE B 35 -1.66 2.07 13.50
CA ILE B 35 -3.06 1.65 13.58
C ILE B 35 -3.90 2.72 14.27
N GLU B 36 -3.38 3.33 15.34
CA GLU B 36 -4.10 4.37 16.06
C GLU B 36 -4.51 5.49 15.11
N GLY B 37 -3.61 5.87 14.22
CA GLY B 37 -3.91 6.95 13.30
C GLY B 37 -4.90 6.55 12.22
N GLN B 38 -4.73 5.35 11.66
CA GLN B 38 -5.64 4.88 10.62
C GLN B 38 -7.03 4.68 11.16
N TRP B 39 -7.15 4.20 12.40
CA TRP B 39 -8.46 4.07 13.03
C TRP B 39 -9.15 5.42 13.20
N TYR B 40 -8.44 6.42 13.72
CA TYR B 40 -8.99 7.76 13.86
C TYR B 40 -9.39 8.35 12.51
N LEU B 41 -8.54 8.20 11.49
CA LEU B 41 -8.79 8.86 10.21
C LEU B 41 -9.89 8.18 9.42
N ALA B 42 -10.22 6.93 9.74
CA ALA B 42 -11.38 6.27 9.17
C ALA B 42 -12.69 6.74 9.80
N GLY B 43 -12.64 7.63 10.78
CA GLY B 43 -13.85 8.20 11.35
C GLY B 43 -14.18 7.80 12.79
N HIS B 44 -13.31 7.06 13.45
CA HIS B 44 -13.54 6.66 14.84
C HIS B 44 -12.77 7.56 15.79
N GLU B 45 -13.13 7.48 17.07
CA GLU B 45 -12.50 8.33 18.07
C GLU B 45 -11.09 7.82 18.36
N LEU B 46 -10.15 8.76 18.51
CA LEU B 46 -8.77 8.42 18.82
C LEU B 46 -8.68 7.66 20.14
N VAL B 47 -8.02 6.52 20.12
CA VAL B 47 -7.85 5.68 21.30
C VAL B 47 -6.45 5.07 21.29
N SER B 48 -5.85 4.96 22.47
CA SER B 48 -4.57 4.28 22.63
CA SER B 48 -4.57 4.28 22.63
C SER B 48 -4.81 2.78 22.64
N LEU B 49 -4.03 2.06 21.84
CA LEU B 49 -4.20 0.62 21.64
C LEU B 49 -3.02 -0.14 22.23
N SER B 50 -3.13 -1.47 22.31
CA SER B 50 -2.25 -2.28 23.14
C SER B 50 -1.06 -2.88 22.39
N GLU B 51 0.14 -2.33 22.63
CA GLU B 51 1.36 -3.03 22.20
C GLU B 51 1.52 -4.37 22.94
N GLN B 52 1.07 -4.46 24.19
CA GLN B 52 1.25 -5.70 24.93
C GLN B 52 0.54 -6.87 24.26
N GLN B 53 -0.64 -6.64 23.69
CA GLN B 53 -1.28 -7.76 23.01
C GLN B 53 -0.39 -8.34 21.93
N LEU B 54 0.31 -7.49 21.16
CA LEU B 54 1.22 -8.00 20.14
C LEU B 54 2.42 -8.65 20.78
N VAL B 55 3.06 -7.97 21.74
CA VAL B 55 4.25 -8.55 22.33
C VAL B 55 3.96 -9.93 22.91
N SER B 56 2.83 -10.09 23.62
CA SER B 56 2.55 -11.36 24.29
C SER B 56 1.87 -12.40 23.42
N CYS B 57 1.06 -11.98 22.43
CA CYS B 57 0.20 -12.91 21.70
C CYS B 57 0.63 -13.21 20.27
N ASP B 58 1.36 -12.29 19.62
CA ASP B 58 1.75 -12.45 18.22
C ASP B 58 2.87 -13.49 18.13
N ASP B 59 2.53 -14.69 17.63
CA ASP B 59 3.50 -15.77 17.50
C ASP B 59 4.23 -15.78 16.16
N MET B 60 3.94 -14.85 15.25
CA MET B 60 4.79 -14.71 14.07
C MET B 60 6.03 -13.90 14.41
N ASP B 61 5.86 -12.85 15.21
CA ASP B 61 6.96 -12.05 15.69
C ASP B 61 7.54 -12.66 16.97
N ASN B 62 8.55 -12.01 17.54
CA ASN B 62 9.36 -12.65 18.58
C ASN B 62 9.45 -11.79 19.84
N GLY B 63 8.32 -11.22 20.27
CA GLY B 63 8.25 -10.67 21.60
C GLY B 63 9.22 -9.53 21.81
N CYS B 64 10.02 -9.62 22.89
CA CYS B 64 11.02 -8.62 23.20
C CYS B 64 12.33 -8.82 22.45
N SER B 65 12.38 -9.81 21.55
N SER B 65 12.43 -9.81 21.58
CA SER B 65 13.54 -10.09 20.71
CA SER B 65 13.61 -9.95 20.74
C SER B 65 13.29 -9.77 19.23
C SER B 65 13.48 -9.21 19.42
N GLY B 66 12.27 -8.98 18.93
CA GLY B 66 12.12 -8.35 17.64
C GLY B 66 10.89 -8.82 16.88
N GLY B 67 10.58 -8.05 15.82
CA GLY B 67 9.45 -8.32 14.96
C GLY B 67 9.44 -7.37 13.78
N LEU B 68 8.38 -7.49 12.99
CA LEU B 68 8.17 -6.65 11.81
C LEU B 68 6.75 -6.14 11.79
N MET B 69 6.57 -4.87 11.41
CA MET B 69 5.24 -4.28 11.46
C MET B 69 4.26 -5.01 10.56
N LEU B 70 4.68 -5.42 9.35
CA LEU B 70 3.72 -6.10 8.47
C LEU B 70 3.32 -7.45 9.04
N GLN B 71 4.26 -8.15 9.70
CA GLN B 71 3.90 -9.41 10.36
C GLN B 71 2.93 -9.17 11.51
N ALA B 72 3.09 -8.07 12.24
CA ALA B 72 2.14 -7.76 13.30
C ALA B 72 0.74 -7.54 12.73
N PHE B 73 0.64 -6.83 11.60
CA PHE B 73 -0.67 -6.64 10.99
C PHE B 73 -1.24 -7.99 10.55
N ASP B 74 -0.39 -8.83 9.94
CA ASP B 74 -0.83 -10.16 9.51
C ASP B 74 -1.33 -10.99 10.68
N TRP B 75 -0.63 -10.93 11.82
CA TRP B 75 -1.07 -11.72 12.97
C TRP B 75 -2.46 -11.29 13.43
N LEU B 76 -2.71 -9.99 13.51
CA LEU B 76 -4.05 -9.55 13.85
C LEU B 76 -5.07 -10.05 12.84
N LEU B 77 -4.79 -9.90 11.54
CA LEU B 77 -5.78 -10.25 10.54
C LEU B 77 -6.11 -11.73 10.59
N GLN B 78 -5.11 -12.56 10.86
CA GLN B 78 -5.30 -14.01 10.83
C GLN B 78 -5.81 -14.60 12.14
N ASN B 79 -5.59 -13.92 13.28
CA ASN B 79 -5.93 -14.52 14.57
C ASN B 79 -6.99 -13.80 15.37
N THR B 80 -7.25 -12.53 15.11
CA THR B 80 -8.25 -11.78 15.87
C THR B 80 -9.22 -11.06 14.95
N ASN B 81 -9.29 -11.45 13.68
CA ASN B 81 -10.10 -10.75 12.68
C ASN B 81 -9.79 -9.25 12.68
N GLY B 82 -8.51 -8.94 12.85
CA GLY B 82 -8.05 -7.57 12.83
C GLY B 82 -8.28 -6.79 14.10
N HIS B 83 -8.81 -7.41 15.14
CA HIS B 83 -9.15 -6.64 16.33
C HIS B 83 -7.96 -6.46 17.26
N LEU B 84 -7.86 -5.25 17.82
CA LEU B 84 -6.79 -4.90 18.74
C LEU B 84 -7.40 -4.28 20.00
N HIS B 85 -6.91 -4.70 21.17
CA HIS B 85 -7.47 -4.24 22.43
C HIS B 85 -6.94 -2.83 22.77
N THR B 86 -7.68 -2.15 23.65
CA THR B 86 -7.23 -0.86 24.15
C THR B 86 -6.04 -1.03 25.08
N GLU B 87 -5.19 -0.01 25.11
CA GLU B 87 -4.10 0.03 26.08
C GLU B 87 -4.61 -0.02 27.51
N ASP B 88 -5.70 0.68 27.79
CA ASP B 88 -6.23 0.74 29.15
CA ASP B 88 -6.23 0.74 29.15
C ASP B 88 -6.60 -0.64 29.66
N SER B 89 -7.23 -1.46 28.81
CA SER B 89 -7.63 -2.80 29.23
C SER B 89 -6.49 -3.82 29.12
N TYR B 90 -5.45 -3.55 28.32
CA TYR B 90 -4.33 -4.48 28.14
C TYR B 90 -3.07 -3.63 28.17
N PRO B 91 -2.66 -3.19 29.35
CA PRO B 91 -1.55 -2.24 29.47
C PRO B 91 -0.19 -2.90 29.25
N TYR B 92 0.79 -2.04 29.02
CA TYR B 92 2.14 -2.49 28.69
C TYR B 92 2.90 -2.82 29.97
N VAL B 93 3.32 -4.08 30.08
CA VAL B 93 4.05 -4.55 31.26
C VAL B 93 5.41 -5.15 30.94
N SER B 94 5.84 -5.13 29.68
CA SER B 94 7.10 -5.74 29.27
C SER B 94 8.29 -4.79 29.29
N GLY B 95 8.17 -3.65 29.95
CA GLY B 95 9.26 -2.69 30.01
C GLY B 95 10.55 -3.22 30.62
N ASN B 96 10.51 -4.31 31.37
CA ASN B 96 11.73 -4.88 31.92
C ASN B 96 12.31 -6.00 31.08
N GLY B 97 11.68 -6.31 29.94
CA GLY B 97 12.19 -7.31 29.03
C GLY B 97 11.45 -8.63 29.08
N TYR B 98 10.62 -8.85 30.09
CA TYR B 98 9.88 -10.09 30.24
C TYR B 98 8.53 -9.99 29.57
N VAL B 99 8.11 -11.09 28.95
CA VAL B 99 6.85 -11.18 28.22
C VAL B 99 5.92 -12.15 28.95
N PRO B 100 4.87 -11.68 29.60
CA PRO B 100 3.89 -12.58 30.18
C PRO B 100 3.08 -13.31 29.12
N GLU B 101 2.38 -14.35 29.58
CA GLU B 101 1.52 -15.12 28.70
C GLU B 101 0.43 -14.23 28.12
N CYS B 102 0.01 -14.57 26.91
CA CYS B 102 -1.11 -13.88 26.28
C CYS B 102 -2.33 -13.95 27.18
N SER B 103 -2.94 -12.81 27.44
CA SER B 103 -4.08 -12.76 28.33
C SER B 103 -5.33 -13.26 27.64
N ASN B 104 -6.18 -13.93 28.41
CA ASN B 104 -7.48 -14.41 27.95
C ASN B 104 -8.62 -13.78 28.74
N SER B 105 -8.39 -12.62 29.34
CA SER B 105 -9.31 -12.07 30.30
C SER B 105 -10.58 -11.57 29.63
N SER B 106 -11.72 -11.88 30.25
CA SER B 106 -13.00 -11.35 29.80
C SER B 106 -13.08 -9.84 29.97
N GLU B 107 -12.16 -9.26 30.74
CA GLU B 107 -12.12 -7.82 30.96
C GLU B 107 -11.42 -7.05 29.85
N LEU B 108 -10.88 -7.74 28.85
CA LEU B 108 -10.26 -7.04 27.73
C LEU B 108 -11.33 -6.31 26.92
N VAL B 109 -10.96 -5.16 26.37
CA VAL B 109 -11.87 -4.30 25.62
C VAL B 109 -11.28 -4.08 24.24
N VAL B 110 -12.04 -4.40 23.19
CA VAL B 110 -11.59 -4.18 21.82
C VAL B 110 -11.63 -2.68 21.52
N GLY B 111 -10.53 -2.14 21.03
CA GLY B 111 -10.47 -0.73 20.71
C GLY B 111 -10.55 -0.39 19.22
N ALA B 112 -10.08 -1.29 18.35
CA ALA B 112 -9.99 -1.01 16.92
C ALA B 112 -10.02 -2.30 16.13
N GLN B 113 -10.26 -2.16 14.82
CA GLN B 113 -10.18 -3.28 13.90
C GLN B 113 -9.55 -2.80 12.61
N ILE B 114 -8.54 -3.54 12.15
CA ILE B 114 -7.96 -3.32 10.83
C ILE B 114 -8.52 -4.36 9.88
N ASP B 115 -8.41 -4.10 8.58
CA ASP B 115 -8.86 -5.07 7.58
C ASP B 115 -7.83 -5.32 6.49
N GLY B 116 -6.64 -4.76 6.59
CA GLY B 116 -5.61 -5.05 5.61
C GLY B 116 -4.38 -4.25 5.92
N HIS B 117 -3.43 -4.26 4.98
CA HIS B 117 -2.22 -3.47 5.12
C HIS B 117 -1.64 -3.14 3.75
N VAL B 118 -0.73 -2.16 3.73
CA VAL B 118 -0.03 -1.76 2.53
C VAL B 118 1.45 -1.53 2.84
N LEU B 119 2.28 -1.84 1.85
CA LEU B 119 3.67 -1.42 1.79
C LEU B 119 3.74 -0.27 0.79
N ILE B 120 4.15 0.88 1.27
CA ILE B 120 4.15 2.11 0.50
C ILE B 120 5.45 2.21 -0.29
N GLY B 121 5.38 2.76 -1.50
CA GLY B 121 6.55 2.83 -2.35
C GLY B 121 7.70 3.44 -1.60
N SER B 122 8.88 2.85 -1.79
CA SER B 122 10.09 3.14 -1.00
C SER B 122 10.84 4.36 -1.54
N SER B 123 10.17 5.51 -1.54
CA SER B 123 10.76 6.79 -1.90
CA SER B 123 10.76 6.79 -1.90
C SER B 123 10.16 7.88 -1.04
N GLU B 124 11.01 8.82 -0.60
CA GLU B 124 10.59 9.87 0.31
C GLU B 124 9.52 10.74 -0.31
N LYS B 125 9.66 11.04 -1.59
CA LYS B 125 8.67 11.90 -2.21
C LYS B 125 7.30 11.20 -2.22
N ALA B 126 7.28 9.91 -2.52
CA ALA B 126 6.02 9.17 -2.49
C ALA B 126 5.47 9.07 -1.07
N MET B 127 6.36 8.89 -0.11
CA MET B 127 5.94 8.78 1.28
C MET B 127 5.33 10.10 1.77
N ALA B 128 5.92 11.21 1.37
CA ALA B 128 5.39 12.49 1.82
C ALA B 128 3.99 12.67 1.27
N ALA B 129 3.79 12.27 0.00
CA ALA B 129 2.47 12.41 -0.60
C ALA B 129 1.46 11.46 0.04
N TRP B 130 1.89 10.23 0.34
CA TRP B 130 0.97 9.29 0.96
C TRP B 130 0.58 9.76 2.36
N LEU B 131 1.57 10.21 3.12
CA LEU B 131 1.32 10.71 4.48
C LEU B 131 0.43 11.93 4.46
N ALA B 132 0.61 12.83 3.50
CA ALA B 132 -0.18 14.05 3.49
C ALA B 132 -1.66 13.75 3.36
N LYS B 133 -2.00 12.67 2.65
CA LYS B 133 -3.38 12.29 2.45
C LYS B 133 -3.90 11.27 3.47
N ASN B 134 -3.07 10.32 3.87
CA ASN B 134 -3.54 9.13 4.55
C ASN B 134 -3.13 9.00 6.00
N GLY B 135 -2.20 9.83 6.51
CA GLY B 135 -1.85 9.75 7.91
C GLY B 135 -0.46 9.18 8.22
N PRO B 136 -0.17 8.99 9.51
CA PRO B 136 1.16 8.53 9.93
C PRO B 136 1.57 7.18 9.36
N ILE B 137 2.85 7.07 9.01
CA ILE B 137 3.42 5.88 8.40
C ILE B 137 4.35 5.21 9.41
N ALA B 138 4.22 3.90 9.59
CA ALA B 138 5.18 3.14 10.37
C ALA B 138 6.43 2.88 9.50
N ILE B 139 7.62 3.13 10.04
CA ILE B 139 8.85 3.04 9.27
C ILE B 139 9.94 2.35 10.06
N ALA B 140 10.83 1.69 9.35
CA ALA B 140 12.11 1.27 9.89
C ALA B 140 13.17 2.31 9.57
N LEU B 141 14.18 2.40 10.45
CA LEU B 141 15.30 3.29 10.17
C LEU B 141 16.50 2.84 11.01
N ASP B 142 17.63 3.50 10.76
CA ASP B 142 18.82 3.36 11.60
C ASP B 142 18.75 4.45 12.67
N ALA B 143 18.66 4.03 13.93
CA ALA B 143 18.53 4.95 15.05
C ALA B 143 19.85 5.16 15.77
N SER B 144 20.97 4.79 15.16
CA SER B 144 22.26 5.02 15.80
C SER B 144 22.43 6.48 16.21
N SER B 145 22.04 7.41 15.35
CA SER B 145 22.18 8.83 15.64
C SER B 145 21.17 9.33 16.64
N PHE B 146 20.12 8.54 16.93
CA PHE B 146 19.15 8.93 17.94
C PHE B 146 19.69 8.73 19.34
N MET B 147 20.72 7.88 19.50
CA MET B 147 21.21 7.57 20.84
C MET B 147 21.72 8.81 21.56
N SER B 148 22.25 9.79 20.83
CA SER B 148 22.78 11.01 21.43
C SER B 148 21.92 12.25 21.16
N TYR B 149 20.78 12.08 20.51
CA TYR B 149 19.91 13.20 20.18
C TYR B 149 19.17 13.71 21.42
N LYS B 150 19.11 15.02 21.54
CA LYS B 150 18.37 15.71 22.59
C LYS B 150 17.30 16.66 22.07
N SER B 151 17.58 17.40 21.00
CA SER B 151 16.62 18.35 20.45
C SER B 151 17.17 18.82 19.12
N GLY B 152 16.32 19.51 18.38
CA GLY B 152 16.70 20.12 17.11
C GLY B 152 16.42 19.24 15.91
N VAL B 153 16.92 19.69 14.78
CA VAL B 153 16.78 19.00 13.52
C VAL B 153 18.07 18.22 13.22
N LEU B 154 17.94 16.90 13.10
N LEU B 154 17.95 16.89 13.18
CA LEU B 154 19.08 16.03 12.81
CA LEU B 154 19.05 16.04 12.76
C LEU B 154 19.39 16.10 11.32
C LEU B 154 19.30 16.27 11.28
N THR B 155 20.47 16.81 10.96
CA THR B 155 20.91 16.94 9.58
C THR B 155 21.98 15.92 9.22
N ALA B 156 22.55 15.20 10.18
N ALA B 156 22.61 15.32 10.21
CA ALA B 156 23.63 14.23 9.94
CA ALA B 156 23.58 14.25 10.02
C ALA B 156 23.35 12.89 10.63
C ALA B 156 23.00 13.03 10.73
N CYS B 157 22.59 12.04 9.95
CA CYS B 157 22.12 10.77 10.50
C CYS B 157 22.96 9.66 9.91
N ILE B 158 23.40 8.73 10.75
CA ILE B 158 24.01 7.51 10.26
C ILE B 158 22.92 6.69 9.55
N GLY B 159 23.18 6.31 8.31
CA GLY B 159 22.24 5.49 7.56
C GLY B 159 22.95 4.24 7.09
N LYS B 160 23.08 3.29 8.00
CA LYS B 160 23.84 2.07 7.73
C LYS B 160 23.04 0.78 7.88
N GLN B 161 22.21 0.64 8.91
CA GLN B 161 21.49 -0.61 9.15
C GLN B 161 20.13 -0.28 9.75
N LEU B 162 19.09 -0.97 9.29
CA LEU B 162 17.76 -0.84 9.89
C LEU B 162 17.79 -1.51 11.25
N ASN B 163 17.56 -0.75 12.33
CA ASN B 163 17.74 -1.28 13.67
C ASN B 163 16.72 -0.69 14.64
N HIS B 164 15.65 -0.09 14.12
CA HIS B 164 14.60 0.47 14.95
C HIS B 164 13.35 0.65 14.08
N GLY B 165 12.19 0.79 14.75
CA GLY B 165 10.91 1.05 14.09
C GLY B 165 10.24 2.17 14.85
N VAL B 166 9.74 3.14 14.10
CA VAL B 166 9.14 4.37 14.63
C VAL B 166 7.94 4.79 13.78
N LEU B 167 7.37 5.97 14.04
CA LEU B 167 6.17 6.43 13.38
C LEU B 167 6.42 7.81 12.79
N LEU B 168 6.23 7.93 11.49
CA LEU B 168 6.35 9.20 10.80
CA LEU B 168 6.35 9.20 10.81
C LEU B 168 5.01 9.91 10.93
N VAL B 169 4.98 11.08 11.58
CA VAL B 169 3.72 11.78 11.85
C VAL B 169 3.55 13.08 11.09
N GLY B 170 4.57 13.57 10.40
CA GLY B 170 4.43 14.84 9.71
C GLY B 170 5.73 15.28 9.07
N TYR B 171 5.67 16.41 8.38
CA TYR B 171 6.85 17.04 7.80
C TYR B 171 6.60 18.54 7.74
N ASP B 172 7.68 19.31 7.61
CA ASP B 172 7.58 20.75 7.48
C ASP B 172 8.70 21.20 6.57
N MET B 173 8.34 21.76 5.41
CA MET B 173 9.30 22.28 4.46
C MET B 173 9.34 23.80 4.45
N THR B 174 8.85 24.45 5.49
CA THR B 174 8.74 25.92 5.46
C THR B 174 9.96 26.62 6.07
N GLY B 175 10.84 25.89 6.73
CA GLY B 175 12.04 26.47 7.32
C GLY B 175 13.27 26.26 6.45
N GLU B 176 14.42 26.67 7.01
CA GLU B 176 15.67 26.56 6.27
C GLU B 176 15.94 25.12 5.87
N VAL B 177 15.74 24.19 6.79
CA VAL B 177 15.96 22.76 6.57
C VAL B 177 14.60 22.08 6.58
N PRO B 178 14.19 21.43 5.49
CA PRO B 178 12.95 20.67 5.51
C PRO B 178 13.13 19.43 6.36
N TYR B 179 12.11 19.06 7.12
CA TYR B 179 12.26 17.94 8.04
C TYR B 179 10.99 17.11 8.18
N TRP B 180 11.20 15.83 8.50
CA TRP B 180 10.18 14.92 8.96
C TRP B 180 10.07 15.00 10.46
N VAL B 181 8.87 14.72 10.98
CA VAL B 181 8.61 14.62 12.42
C VAL B 181 8.33 13.15 12.75
N ILE B 182 9.11 12.58 13.66
CA ILE B 182 9.07 11.17 14.01
C ILE B 182 8.70 11.00 15.48
N LYS B 183 7.74 10.13 15.74
CA LYS B 183 7.37 9.75 17.10
C LYS B 183 8.18 8.53 17.49
N ASN B 184 8.99 8.67 18.53
CA ASN B 184 9.74 7.53 19.08
C ASN B 184 8.94 6.92 20.22
N SER B 185 9.40 5.77 20.70
CA SER B 185 8.78 5.04 21.79
C SER B 185 9.77 4.85 22.95
N TRP B 186 10.53 5.90 23.24
CA TRP B 186 11.48 5.91 24.35
C TRP B 186 11.04 6.83 25.47
N GLY B 187 9.74 7.12 25.56
CA GLY B 187 9.22 7.95 26.62
C GLY B 187 9.17 9.41 26.22
N GLY B 188 8.46 10.18 27.04
CA GLY B 188 8.27 11.58 26.71
C GLY B 188 9.40 12.52 27.08
N ASP B 189 10.38 12.06 27.86
CA ASP B 189 11.55 12.85 28.18
C ASP B 189 12.62 12.76 27.09
N TRP B 190 12.61 11.69 26.30
CA TRP B 190 13.59 11.59 25.23
C TRP B 190 13.27 12.57 24.12
N GLY B 191 14.32 13.23 23.62
CA GLY B 191 14.17 14.08 22.46
C GLY B 191 13.24 15.25 22.75
N GLU B 192 12.47 15.63 21.74
CA GLU B 192 11.56 16.77 21.88
C GLU B 192 10.19 16.26 22.31
N GLN B 193 10.03 16.09 23.62
CA GLN B 193 8.81 15.54 24.17
C GLN B 193 8.47 14.20 23.53
N GLY B 194 9.50 13.45 23.19
CA GLY B 194 9.34 12.12 22.67
C GLY B 194 9.54 12.00 21.18
N TYR B 195 9.75 13.12 20.49
CA TYR B 195 9.85 13.22 19.04
C TYR B 195 11.26 13.61 18.62
N VAL B 196 11.56 13.35 17.36
CA VAL B 196 12.81 13.76 16.73
C VAL B 196 12.48 14.28 15.33
N ARG B 197 13.22 15.30 14.91
CA ARG B 197 13.09 15.89 13.58
C ARG B 197 14.32 15.50 12.76
N VAL B 198 14.09 15.08 11.53
CA VAL B 198 15.14 14.54 10.66
C VAL B 198 15.02 15.20 9.29
N VAL B 199 16.16 15.65 8.73
CA VAL B 199 16.14 16.25 7.40
C VAL B 199 15.48 15.35 6.34
N MET B 200 14.70 15.99 5.44
CA MET B 200 14.08 15.37 4.28
C MET B 200 14.96 15.45 3.03
N GLY B 201 14.82 14.45 2.15
CA GLY B 201 15.36 14.49 0.82
C GLY B 201 16.64 13.71 0.59
N VAL B 202 17.19 13.05 1.60
CA VAL B 202 18.49 12.40 1.45
C VAL B 202 18.43 10.96 1.94
N ASN B 203 17.23 10.42 2.14
CA ASN B 203 17.06 9.09 2.73
C ASN B 203 17.76 9.00 4.09
N ALA B 204 17.59 10.05 4.88
CA ALA B 204 18.27 10.14 6.16
C ALA B 204 17.87 8.95 7.04
N CYS B 205 18.88 8.33 7.64
CA CYS B 205 18.65 7.24 8.55
C CYS B 205 18.02 6.06 7.86
N LEU B 206 18.05 6.05 6.53
CA LEU B 206 17.45 4.99 5.72
C LEU B 206 15.93 4.92 5.91
N LEU B 207 15.30 6.08 6.15
CA LEU B 207 13.91 6.09 6.60
C LEU B 207 12.92 5.75 5.50
N SER B 208 13.33 5.60 4.23
CA SER B 208 12.37 5.21 3.19
C SER B 208 12.43 3.74 2.84
N GLU B 209 13.19 2.93 3.57
CA GLU B 209 13.36 1.54 3.16
C GLU B 209 12.13 0.68 3.41
N TYR B 210 11.34 0.96 4.44
CA TYR B 210 10.24 0.06 4.82
C TYR B 210 9.11 0.92 5.40
N PRO B 211 8.36 1.61 4.54
CA PRO B 211 7.20 2.39 4.98
C PRO B 211 5.92 1.61 4.82
N VAL B 212 5.18 1.41 5.91
CA VAL B 212 4.01 0.54 5.89
C VAL B 212 2.85 1.15 6.66
N SER B 213 1.66 0.65 6.38
CA SER B 213 0.49 1.07 7.13
C SER B 213 -0.57 -0.02 7.13
N ALA B 214 -1.36 -0.04 8.20
CA ALA B 214 -2.58 -0.82 8.23
C ALA B 214 -3.60 -0.13 7.34
N HIS B 215 -4.66 -0.86 7.04
CA HIS B 215 -5.84 -0.32 6.38
C HIS B 215 -7.04 -0.54 7.28
N VAL B 216 -7.85 0.49 7.38
CA VAL B 216 -9.10 0.47 8.14
C VAL B 216 -10.19 0.94 7.18
N ARG B 217 -11.21 0.12 6.96
CA ARG B 217 -12.24 0.55 6.01
C ARG B 217 -12.98 1.77 6.55
NA NA C . -17.28 -13.51 -25.54
C ACT D . -4.53 -4.61 -30.36
O ACT D . -4.76 -3.41 -30.04
OXT ACT D . -3.50 -5.32 -30.14
CH3 ACT D . -5.70 -5.35 -31.12
C ACT E . -2.82 17.25 -15.44
O ACT E . -3.14 18.17 -16.24
OXT ACT E . -2.96 16.00 -15.57
CH3 ACT E . -2.16 17.71 -14.10
C1 MPD F . -5.70 18.86 -2.06
C2 MPD F . -4.86 19.44 -0.93
O2 MPD F . -5.49 20.66 -0.45
CM MPD F . -3.51 19.84 -1.48
C3 MPD F . -4.69 18.43 0.22
C4 MPD F . -3.67 17.31 0.01
O4 MPD F . -3.54 16.60 1.22
C5 MPD F . -4.03 16.33 -1.09
C1 MPD G . 6.77 -13.01 -9.04
C2 MPD G . 5.95 -11.77 -8.67
O2 MPD G . 6.87 -10.72 -8.29
CM MPD G . 5.13 -11.30 -9.87
C3 MPD G . 4.99 -12.01 -7.50
C4 MPD G . 5.64 -12.62 -6.29
O4 MPD G . 6.86 -11.97 -6.05
C5 MPD G . 4.72 -12.51 -5.08
C10 GES H . 4.68 -10.93 -16.04
C10 GES H . 4.70 -10.93 -16.05
C11 GES H . 3.69 -10.20 -15.15
C11 GES H . 3.62 -10.26 -15.19
N5 GES H . 3.23 -10.94 -19.56
N5 GES H . 3.20 -11.12 -19.57
C5 GES H . 10.53 -7.66 -14.42
C5 GES H . 10.99 -7.18 -14.18
C4 GES H . 11.20 -8.37 -15.58
C4 GES H . 11.17 -8.44 -15.03
C9 GES H . 7.00 -11.19 -16.74
C9 GES H . 6.89 -11.36 -14.91
N3 GES H . 6.03 -10.45 -15.95
N3 GES H . 6.02 -10.48 -15.66
C2 GES H . 8.42 -10.63 -16.70
C2 GES H . 8.27 -10.77 -14.56
N1 GES H . 9.42 -11.00 -17.47
N1 GES H . 9.08 -11.10 -13.57
C1 GES H . 8.85 -9.58 -15.86
C1 GES H . 8.87 -9.71 -15.28
C8 GES H . 9.41 -12.05 -18.47
C8 GES H . 8.82 -12.15 -12.60
C7 GES H . 12.40 -9.15 -15.08
C7 GES H . 12.55 -9.04 -14.82
C6 GES H . 11.62 -7.36 -16.65
C6 GES H . 11.01 -8.06 -16.50
C12 GES H . 4.34 -10.56 -17.48
C12 GES H . 4.41 -10.56 -17.50
C13 GES H . 2.91 -12.65 -17.72
C13 GES H . 2.96 -12.65 -17.64
C14 GES H . 4.09 -11.52 -20.58
C14 GES H . 4.15 -11.48 -20.62
C15 GES H . 1.90 -10.46 -19.89
C15 GES H . 1.95 -10.43 -19.87
C16 GES H . 3.72 -10.65 -13.68
C16 GES H . 3.69 -10.64 -13.71
C17 GES H . 2.91 -9.65 -12.85
C17 GES H . 2.89 -9.64 -12.88
C18 GES H . 3.21 -12.09 -13.51
C18 GES H . 3.21 -12.09 -13.49
C3 GES H . 10.21 -9.40 -16.21
C3 GES H . 10.10 -9.49 -14.62
N2 GES H . 10.50 -10.26 -17.15
N2 GES H . 10.18 -10.34 -13.62
N4 GES H . 3.44 -11.40 -18.25
N4 GES H . 3.51 -11.44 -18.25
N6 GES H . 1.65 -10.40 -21.12
N6 GES H . 1.69 -10.41 -21.10
O1 GES H . 6.69 -12.14 -17.39
O1 GES H . 6.59 -12.48 -14.61
O2 GES H . 4.77 -9.58 -18.01
O2 GES H . 4.86 -9.59 -18.02
NA NA I . 13.63 15.81 26.13
C ACT J . 9.28 21.52 18.49
O ACT J . 10.05 21.89 17.56
OXT ACT J . 9.55 21.17 19.67
CH3 ACT J . 7.76 21.50 18.14
C ACT K . 10.76 15.64 -1.17
O ACT K . 10.11 15.30 -2.20
OXT ACT K . 11.06 16.80 -0.78
CH3 ACT K . 11.27 14.47 -0.26
C ACT L . 13.13 -5.60 6.57
O ACT L . 12.24 -6.34 6.05
OXT ACT L . 14.38 -5.72 6.47
CH3 ACT L . 12.60 -4.41 7.43
C ACT M . 18.11 5.87 25.04
O ACT M . 18.21 4.79 24.39
OXT ACT M . 17.46 6.12 26.09
CH3 ACT M . 18.91 7.08 24.48
C TRS N . 0.84 28.71 4.28
C1 TRS N . 2.31 29.06 4.02
C2 TRS N . 0.43 27.49 3.45
C3 TRS N . -0.06 29.91 3.94
N TRS N . 0.67 28.38 5.74
O1 TRS N . 3.16 28.15 4.68
O2 TRS N . -0.78 26.95 3.92
O3 TRS N . 0.14 30.97 4.85
C10 GES O . 13.33 -4.92 14.09
C10 GES O . 13.40 -4.98 14.08
C11 GES O . 12.34 -3.95 13.42
C11 GES O . 12.44 -3.93 13.46
N5 GES O . 13.89 -3.72 17.75
N5 GES O . 13.91 -3.79 17.74
C5 GES O . 11.05 -11.15 11.73
C5 GES O . 10.53 -11.72 11.42
C4 GES O . 11.77 -11.77 12.91
C4 GES O . 11.70 -11.64 12.38
C9 GES O . 13.98 -7.28 14.37
C9 GES O . 14.02 -6.97 12.64
N3 GES O . 13.04 -6.32 13.83
N3 GES O . 13.10 -6.30 13.56
C2 GES O . 13.68 -8.78 14.19
C2 GES O . 13.58 -8.38 12.14
N1 GES O . 14.26 -9.79 14.79
N1 GES O . 13.87 -8.98 11.00
C1 GES O . 12.63 -9.30 13.40
C1 GES O . 12.72 -9.22 12.86
C8 GES O . 15.40 -9.71 15.71
C8 GES O . 14.72 -8.44 9.95
C7 GES O . 12.64 -12.90 12.40
C7 GES O . 12.57 -12.89 12.27
C6 GES O . 10.74 -12.29 13.93
C6 GES O . 11.17 -11.55 13.82
C12 GES O . 13.15 -4.79 15.61
C12 GES O . 13.18 -4.90 15.60
C13 GES O . 15.02 -3.09 15.67
C13 GES O . 15.02 -3.14 15.67
C14 GES O . 14.40 -4.84 18.52
C14 GES O . 14.39 -4.89 18.55
C15 GES O . 12.83 -2.88 18.28
C15 GES O . 12.86 -2.92 18.25
C16 GES O . 12.60 -3.71 11.91
C16 GES O . 12.65 -3.73 11.95
C17 GES O . 11.49 -2.87 11.31
C17 GES O . 11.51 -2.90 11.35
C18 GES O . 13.95 -3.05 11.66
C18 GES O . 14.00 -3.06 11.65
C3 GES O . 12.70 -10.72 13.57
C3 GES O . 12.56 -10.39 12.04
N2 GES O . 13.68 -10.95 14.41
N2 GES O . 13.26 -10.18 10.95
N4 GES O . 13.98 -3.84 16.35
N4 GES O . 14.01 -3.94 16.35
N6 GES O . 13.04 -2.55 19.49
N6 GES O . 13.04 -2.58 19.45
O1 GES O . 14.93 -6.87 14.96
O1 GES O . 15.04 -6.44 12.30
O2 GES O . 12.32 -5.43 16.19
O2 GES O . 12.35 -5.57 16.13
#